data_2LBJ
#
_entry.id   2LBJ
#
_entity_poly.entity_id   1
_entity_poly.type   'polyribonucleotide'
_entity_poly.pdbx_seq_one_letter_code
;GGGCCUUGCCAAGGUCC
;
_entity_poly.pdbx_strand_id   A
#
loop_
_chem_comp.id
_chem_comp.type
_chem_comp.name
_chem_comp.formula
A RNA linking ADENOSINE-5'-MONOPHOSPHATE 'C10 H14 N5 O7 P'
C RNA linking CYTIDINE-5'-MONOPHOSPHATE 'C9 H14 N3 O8 P'
G RNA linking GUANOSINE-5'-MONOPHOSPHATE 'C10 H14 N5 O8 P'
U RNA linking URIDINE-5'-MONOPHOSPHATE 'C9 H13 N2 O9 P'
#